data_7UBQ
#
_entry.id   7UBQ
#
_cell.length_a   128.363
_cell.length_b   128.363
_cell.length_c   42.446
_cell.angle_alpha   90.000
_cell.angle_beta   90.000
_cell.angle_gamma   90.000
#
_symmetry.space_group_name_H-M   'P 42 21 2'
#
loop_
_entity.id
_entity.type
_entity.pdbx_description
1 polymer 'Pyridoxal phosphate homeostasis protein'
2 non-polymer "PYRIDOXINE-5'-PHOSPHATE"
3 water water
#
_entity_poly.entity_id   1
_entity_poly.type   'polypeptide(L)'
_entity_poly.pdbx_seq_one_letter_code
;MNDIAHNLAQVRDKISAAATRCGRSPEEITLLAVSKTKPASAIAEAIDAGQRQFGENYVQEGVDKIRHFQELGVTGLEWH
FIGPLQSNKSRLVAEHFDWCHTIDRLRIATRLNDQRPAELPPLNVLIQINISDENSKSGIQLAELDELAAAVAELPRLRL
RGLMAIPAPESEYVRQFEVARQMAVAFAGLKTRYPHIDTLSLGMSDDMEAAIAAGSTMVRIGTAIFGARDYSKK
;
_entity_poly.pdbx_strand_id   A
#
# COMPACT_ATOMS: atom_id res chain seq x y z
N ASN A 2 11.99 6.28 21.02
CA ASN A 2 11.27 5.14 20.48
C ASN A 2 12.15 3.89 20.40
N ASP A 3 11.56 2.72 20.61
CA ASP A 3 12.21 1.47 20.26
C ASP A 3 11.42 0.89 19.09
N ILE A 4 11.97 1.08 17.88
CA ILE A 4 11.27 0.62 16.68
C ILE A 4 10.99 -0.88 16.76
N ALA A 5 11.98 -1.66 17.22
CA ALA A 5 11.77 -3.09 17.34
C ALA A 5 10.59 -3.40 18.26
N HIS A 6 10.43 -2.61 19.32
CA HIS A 6 9.36 -2.86 20.28
C HIS A 6 8.02 -2.53 19.67
N ASN A 7 7.93 -1.36 19.03
CA ASN A 7 6.72 -0.96 18.32
C ASN A 7 6.31 -1.96 17.27
N LEU A 8 7.26 -2.46 16.48
CA LEU A 8 6.95 -3.46 15.46
C LEU A 8 6.22 -4.64 16.06
N ALA A 9 6.75 -5.18 17.16
CA ALA A 9 6.16 -6.37 17.75
C ALA A 9 4.78 -6.07 18.31
N GLN A 10 4.59 -4.86 18.83
CA GLN A 10 3.32 -4.47 19.42
C GLN A 10 2.26 -4.31 18.33
N VAL A 11 2.58 -3.51 17.32
CA VAL A 11 1.74 -3.39 16.14
C VAL A 11 1.39 -4.78 15.60
N ARG A 12 2.39 -5.65 15.50
CA ARG A 12 2.12 -6.98 14.96
C ARG A 12 1.18 -7.76 15.86
N ASP A 13 1.27 -7.55 17.17
CA ASP A 13 0.35 -8.19 18.09
C ASP A 13 -1.06 -7.66 17.92
N LYS A 14 -1.20 -6.34 17.78
CA LYS A 14 -2.52 -5.75 17.51
C LYS A 14 -3.10 -6.26 16.20
N ILE A 15 -2.27 -6.31 15.15
CA ILE A 15 -2.72 -6.88 13.88
C ILE A 15 -3.21 -8.30 14.09
N SER A 16 -2.38 -9.13 14.74
CA SER A 16 -2.76 -10.51 14.99
C SER A 16 -4.02 -10.61 15.86
N ALA A 17 -4.14 -9.75 16.86
CA ALA A 17 -5.34 -9.75 17.69
C ALA A 17 -6.56 -9.39 16.86
N ALA A 18 -6.43 -8.38 15.99
CA ALA A 18 -7.58 -7.94 15.23
C ALA A 18 -8.03 -9.00 14.23
N ALA A 19 -7.08 -9.71 13.61
CA ALA A 19 -7.43 -10.76 12.67
C ALA A 19 -8.13 -11.93 13.38
N THR A 20 -7.55 -12.40 14.49
CA THR A 20 -8.13 -13.53 15.21
CA THR A 20 -8.15 -13.53 15.19
C THR A 20 -9.52 -13.19 15.77
N ARG A 21 -9.65 -12.01 16.39
CA ARG A 21 -10.93 -11.58 16.94
C ARG A 21 -12.09 -11.70 15.94
N CYS A 22 -11.83 -11.49 14.65
CA CYS A 22 -12.89 -11.54 13.65
C CYS A 22 -12.77 -12.76 12.75
N GLY A 23 -12.12 -13.81 13.25
CA GLY A 23 -12.13 -15.08 12.54
C GLY A 23 -11.27 -15.10 11.30
N ARG A 24 -10.22 -14.31 11.28
CA ARG A 24 -9.26 -14.32 10.19
C ARG A 24 -7.93 -14.84 10.71
N SER A 25 -7.18 -15.49 9.82
CA SER A 25 -5.82 -15.84 10.16
C SER A 25 -4.96 -14.58 10.11
N PRO A 26 -4.06 -14.39 11.08
CA PRO A 26 -3.14 -13.26 10.99
C PRO A 26 -2.28 -13.26 9.74
N GLU A 27 -2.06 -14.42 9.12
CA GLU A 27 -1.33 -14.53 7.86
C GLU A 27 -1.98 -13.72 6.75
N GLU A 28 -3.25 -13.33 6.89
CA GLU A 28 -3.91 -12.69 5.78
C GLU A 28 -3.56 -11.22 5.68
N ILE A 29 -3.04 -10.63 6.76
CA ILE A 29 -2.80 -9.21 6.87
C ILE A 29 -1.31 -8.95 6.71
N THR A 30 -0.94 -8.19 5.67
CA THR A 30 0.44 -7.74 5.49
C THR A 30 0.65 -6.39 6.18
N LEU A 31 1.69 -6.32 7.02
CA LEU A 31 2.10 -5.05 7.62
C LEU A 31 3.01 -4.32 6.62
N LEU A 32 2.61 -3.11 6.24
CA LEU A 32 3.43 -2.24 5.41
C LEU A 32 3.88 -1.08 6.28
N ALA A 33 5.17 -1.03 6.57
CA ALA A 33 5.73 0.02 7.42
C ALA A 33 5.88 1.29 6.61
N VAL A 34 5.21 2.37 7.03
CA VAL A 34 5.22 3.61 6.26
C VAL A 34 6.35 4.48 6.80
N SER A 35 7.46 4.46 6.09
CA SER A 35 8.69 5.12 6.53
C SER A 35 8.89 6.49 5.90
N LYS A 36 7.82 7.13 5.43
CA LYS A 36 7.98 8.48 4.90
C LYS A 36 8.39 9.42 6.01
N THR A 37 9.31 10.33 5.68
CA THR A 37 9.84 11.34 6.61
C THR A 37 10.59 10.70 7.78
N LYS A 38 11.20 9.55 7.54
CA LYS A 38 12.01 8.97 8.58
C LYS A 38 13.35 8.56 7.97
N PRO A 39 14.45 8.79 8.67
CA PRO A 39 15.77 8.55 8.07
C PRO A 39 15.99 7.08 7.81
N ALA A 40 16.94 6.81 6.91
CA ALA A 40 17.24 5.41 6.59
C ALA A 40 17.69 4.65 7.81
N SER A 41 18.25 5.36 8.80
CA SER A 41 18.66 4.70 10.04
C SER A 41 17.47 4.02 10.71
N ALA A 42 16.32 4.70 10.71
CA ALA A 42 15.11 4.14 11.33
C ALA A 42 14.62 2.92 10.55
N ILE A 43 14.61 2.99 9.23
CA ILE A 43 14.29 1.80 8.44
C ILE A 43 15.25 0.67 8.77
N ALA A 44 16.53 0.99 8.94
CA ALA A 44 17.50 -0.03 9.29
C ALA A 44 17.11 -0.73 10.58
N GLU A 45 16.68 0.02 11.59
CA GLU A 45 16.26 -0.61 12.85
C GLU A 45 15.08 -1.54 12.63
N ALA A 46 14.16 -1.14 11.74
CA ALA A 46 13.05 -2.00 11.38
C ALA A 46 13.52 -3.22 10.60
N ILE A 47 14.43 -3.01 9.64
CA ILE A 47 14.92 -4.15 8.87
C ILE A 47 15.54 -5.17 9.80
N ASP A 48 16.33 -4.69 10.75
CA ASP A 48 17.02 -5.63 11.62
C ASP A 48 16.05 -6.40 12.49
N ALA A 49 14.91 -5.78 12.83
CA ALA A 49 13.90 -6.39 13.69
C ALA A 49 12.97 -7.34 12.95
N GLY A 50 13.06 -7.45 11.63
CA GLY A 50 12.27 -8.39 10.87
C GLY A 50 11.41 -7.78 9.78
N GLN A 51 11.19 -6.47 9.79
CA GLN A 51 10.32 -5.85 8.81
C GLN A 51 10.99 -5.81 7.44
N ARG A 52 10.24 -6.19 6.40
CA ARG A 52 10.76 -6.23 5.04
C ARG A 52 9.98 -5.41 4.03
N GLN A 53 8.77 -4.97 4.36
CA GLN A 53 7.92 -4.25 3.42
C GLN A 53 7.79 -2.80 3.88
N PHE A 54 8.13 -1.86 3.00
CA PHE A 54 8.18 -0.46 3.38
C PHE A 54 7.45 0.39 2.36
N GLY A 55 6.76 1.43 2.86
CA GLY A 55 6.00 2.31 2.02
C GLY A 55 6.54 3.72 2.10
N GLU A 56 6.77 4.35 0.94
CA GLU A 56 7.30 5.70 0.84
C GLU A 56 6.34 6.55 0.02
N ASN A 57 6.21 7.83 0.38
CA ASN A 57 5.27 8.70 -0.30
C ASN A 57 5.89 9.65 -1.31
N TYR A 58 7.20 9.87 -1.23
CA TYR A 58 7.87 10.83 -2.11
C TYR A 58 8.98 10.10 -2.85
N VAL A 59 9.15 10.41 -4.13
CA VAL A 59 9.87 9.49 -5.01
C VAL A 59 11.36 9.51 -4.71
N GLN A 60 11.96 10.70 -4.68
CA GLN A 60 13.41 10.74 -4.50
C GLN A 60 13.81 10.18 -3.14
N GLU A 61 13.13 10.61 -2.07
CA GLU A 61 13.33 10.01 -0.75
C GLU A 61 13.26 8.49 -0.79
N GLY A 62 12.28 7.94 -1.52
CA GLY A 62 12.20 6.50 -1.63
C GLY A 62 13.41 5.90 -2.31
N VAL A 63 13.83 6.50 -3.42
CA VAL A 63 14.93 5.92 -4.20
C VAL A 63 16.22 5.94 -3.39
N ASP A 64 16.51 7.07 -2.74
CA ASP A 64 17.68 7.13 -1.86
C ASP A 64 17.69 5.96 -0.91
N LYS A 65 16.63 5.81 -0.12
CA LYS A 65 16.53 4.68 0.80
C LYS A 65 16.70 3.37 0.06
N ILE A 66 16.09 3.25 -1.12
CA ILE A 66 16.20 1.99 -1.86
C ILE A 66 17.65 1.76 -2.28
N ARG A 67 18.24 2.75 -2.94
CA ARG A 67 19.64 2.63 -3.37
C ARG A 67 20.53 2.33 -2.17
N HIS A 68 20.30 3.02 -1.05
CA HIS A 68 21.10 2.82 0.16
C HIS A 68 21.11 1.36 0.59
N PHE A 69 19.94 0.74 0.73
CA PHE A 69 19.93 -0.61 1.26
C PHE A 69 20.31 -1.62 0.19
N GLN A 70 20.24 -1.24 -1.09
CA GLN A 70 20.86 -2.06 -2.11
C GLN A 70 22.37 -2.13 -1.91
N GLU A 71 22.99 -0.98 -1.62
CA GLU A 71 24.44 -0.93 -1.49
C GLU A 71 24.93 -1.73 -0.28
N LEU A 72 24.24 -1.61 0.85
CA LEU A 72 24.53 -2.48 1.98
C LEU A 72 24.36 -3.95 1.63
N GLY A 73 23.56 -4.26 0.59
CA GLY A 73 23.32 -5.62 0.18
C GLY A 73 22.10 -6.31 0.76
N VAL A 74 21.13 -5.55 1.29
CA VAL A 74 20.01 -6.16 2.03
C VAL A 74 19.04 -6.82 1.07
N THR A 75 18.65 -8.06 1.38
CA THR A 75 17.84 -8.90 0.52
C THR A 75 16.44 -9.10 1.07
N GLY A 76 15.51 -9.36 0.15
CA GLY A 76 14.14 -9.67 0.53
C GLY A 76 13.34 -8.48 0.97
N LEU A 77 13.60 -7.31 0.39
CA LEU A 77 12.86 -6.10 0.70
C LEU A 77 11.84 -5.84 -0.40
N GLU A 78 10.75 -5.19 -0.02
CA GLU A 78 9.67 -4.88 -0.93
C GLU A 78 9.28 -3.43 -0.69
N TRP A 79 9.45 -2.60 -1.71
CA TRP A 79 9.24 -1.18 -1.58
C TRP A 79 7.96 -0.81 -2.32
N HIS A 80 7.01 -0.25 -1.57
CA HIS A 80 5.73 0.21 -2.09
C HIS A 80 5.74 1.73 -2.15
N PHE A 81 5.43 2.29 -3.31
CA PHE A 81 5.24 3.73 -3.43
C PHE A 81 3.76 4.06 -3.25
N ILE A 82 3.46 4.89 -2.26
CA ILE A 82 2.07 5.01 -1.82
C ILE A 82 1.69 6.46 -1.72
N GLY A 83 2.42 7.32 -2.41
CA GLY A 83 2.04 8.71 -2.52
C GLY A 83 1.60 9.02 -3.93
N PRO A 84 1.10 10.24 -4.14
CA PRO A 84 0.68 10.63 -5.49
C PRO A 84 1.87 10.73 -6.42
N LEU A 85 1.63 10.39 -7.68
CA LEU A 85 2.66 10.15 -8.67
C LEU A 85 2.48 11.11 -9.82
N GLN A 86 3.31 12.14 -9.89
CA GLN A 86 3.28 13.01 -11.05
C GLN A 86 4.05 12.38 -12.21
N SER A 87 3.75 12.84 -13.43
CA SER A 87 4.30 12.20 -14.62
C SER A 87 5.83 12.30 -14.66
N ASN A 88 6.39 13.45 -14.30
CA ASN A 88 7.82 13.62 -14.50
C ASN A 88 8.65 12.82 -13.50
N LYS A 89 8.02 12.21 -12.50
CA LYS A 89 8.73 11.40 -11.52
C LYS A 89 8.41 9.93 -11.67
N SER A 90 7.69 9.54 -12.73
CA SER A 90 7.28 8.15 -12.89
C SER A 90 8.48 7.25 -13.23
N ARG A 91 9.45 7.74 -13.99
CA ARG A 91 10.57 6.88 -14.38
C ARG A 91 11.27 6.32 -13.15
N LEU A 92 11.48 7.15 -12.14
CA LEU A 92 12.16 6.70 -10.92
C LEU A 92 11.35 5.63 -10.20
N VAL A 93 10.02 5.80 -10.11
CA VAL A 93 9.20 4.79 -9.45
C VAL A 93 9.28 3.47 -10.20
N ALA A 94 9.21 3.53 -11.54
CA ALA A 94 9.20 2.31 -12.34
C ALA A 94 10.51 1.56 -12.26
N GLU A 95 11.62 2.27 -12.08
CA GLU A 95 12.92 1.61 -12.10
C GLU A 95 13.29 1.01 -10.76
N HIS A 96 12.71 1.48 -9.65
CA HIS A 96 13.23 1.07 -8.36
C HIS A 96 12.21 0.44 -7.42
N PHE A 97 10.92 0.72 -7.56
CA PHE A 97 9.94 0.21 -6.61
C PHE A 97 9.34 -1.10 -7.08
N ASP A 98 8.84 -1.87 -6.11
CA ASP A 98 8.16 -3.12 -6.39
C ASP A 98 6.65 -2.99 -6.46
N TRP A 99 6.05 -1.98 -5.83
CA TRP A 99 4.60 -1.78 -5.77
C TRP A 99 4.28 -0.31 -5.92
N CYS A 100 3.15 -0.01 -6.52
CA CYS A 100 2.58 1.33 -6.50
C CYS A 100 1.11 1.23 -6.14
N HIS A 101 0.71 1.96 -5.09
CA HIS A 101 -0.68 1.91 -4.63
C HIS A 101 -1.57 2.98 -5.22
N THR A 102 -1.05 3.86 -6.08
CA THR A 102 -1.72 5.13 -6.39
C THR A 102 -2.02 5.31 -7.89
N ILE A 103 -2.38 4.24 -8.59
CA ILE A 103 -2.81 4.32 -9.98
C ILE A 103 -4.25 4.85 -10.02
N ASP A 104 -4.42 6.09 -10.47
CA ASP A 104 -5.76 6.68 -10.56
C ASP A 104 -6.02 7.35 -11.90
N ARG A 105 -5.17 7.12 -12.89
CA ARG A 105 -5.44 7.55 -14.26
C ARG A 105 -4.55 6.76 -15.19
N LEU A 106 -5.04 6.55 -16.42
CA LEU A 106 -4.38 5.58 -17.28
C LEU A 106 -3.02 6.08 -17.79
N ARG A 107 -2.86 7.39 -17.97
CA ARG A 107 -1.60 7.90 -18.51
C ARG A 107 -0.44 7.57 -17.59
N ILE A 108 -0.67 7.60 -16.28
CA ILE A 108 0.43 7.30 -15.35
C ILE A 108 0.75 5.80 -15.35
N ALA A 109 -0.27 4.95 -15.41
CA ALA A 109 -0.03 3.51 -15.53
C ALA A 109 0.75 3.16 -16.79
N THR A 110 0.40 3.80 -17.91
CA THR A 110 1.12 3.53 -19.16
C THR A 110 2.58 3.98 -19.08
N ARG A 111 2.82 5.19 -18.55
CA ARG A 111 4.20 5.64 -18.36
C ARG A 111 4.99 4.65 -17.52
N LEU A 112 4.48 4.30 -16.34
CA LEU A 112 5.12 3.27 -15.53
C LEU A 112 5.36 1.97 -16.32
N ASN A 113 4.37 1.57 -17.14
CA ASN A 113 4.59 0.37 -17.96
C ASN A 113 5.75 0.58 -18.94
N ASP A 114 5.78 1.74 -19.60
CA ASP A 114 6.77 1.95 -20.64
C ASP A 114 8.16 2.23 -20.10
N GLN A 115 8.28 2.65 -18.83
CA GLN A 115 9.58 2.95 -18.26
C GLN A 115 10.10 1.85 -17.35
N ARG A 116 9.50 0.67 -17.39
CA ARG A 116 9.82 -0.39 -16.45
C ARG A 116 10.85 -1.32 -17.08
N PRO A 117 12.08 -1.38 -16.55
CA PRO A 117 13.13 -2.17 -17.19
C PRO A 117 12.73 -3.63 -17.36
N ALA A 118 13.07 -4.18 -18.52
CA ALA A 118 12.61 -5.52 -18.88
C ALA A 118 13.25 -6.61 -18.03
N GLU A 119 14.37 -6.32 -17.37
CA GLU A 119 15.00 -7.30 -16.50
C GLU A 119 14.23 -7.48 -15.19
N LEU A 120 13.55 -6.43 -14.75
CA LEU A 120 12.75 -6.47 -13.53
C LEU A 120 11.43 -7.22 -13.77
N PRO A 121 10.92 -7.88 -12.75
CA PRO A 121 9.56 -8.41 -12.82
C PRO A 121 8.56 -7.28 -12.94
N PRO A 122 7.33 -7.58 -13.35
CA PRO A 122 6.32 -6.52 -13.49
C PRO A 122 6.11 -5.77 -12.18
N LEU A 123 5.84 -4.47 -12.31
CA LEU A 123 5.53 -3.64 -11.15
C LEU A 123 4.12 -3.97 -10.67
N ASN A 124 3.99 -4.37 -9.41
CA ASN A 124 2.69 -4.67 -8.84
C ASN A 124 1.98 -3.37 -8.56
N VAL A 125 0.75 -3.22 -9.07
CA VAL A 125 0.04 -1.95 -8.95
C VAL A 125 -1.35 -2.16 -8.38
N LEU A 126 -1.79 -1.19 -7.59
CA LEU A 126 -3.14 -1.14 -7.07
C LEU A 126 -3.83 0.09 -7.62
N ILE A 127 -5.12 -0.02 -7.87
CA ILE A 127 -5.91 1.13 -8.31
C ILE A 127 -6.50 1.81 -7.07
N GLN A 128 -6.26 3.12 -6.96
CA GLN A 128 -6.64 3.89 -5.77
C GLN A 128 -8.05 4.44 -5.95
N ILE A 129 -8.92 4.16 -4.98
CA ILE A 129 -10.29 4.66 -4.96
C ILE A 129 -10.36 5.86 -4.01
N ASN A 130 -11.00 6.93 -4.45
CA ASN A 130 -11.36 7.98 -3.51
C ASN A 130 -12.75 7.61 -3.01
N ILE A 131 -12.80 6.98 -1.85
CA ILE A 131 -14.02 6.35 -1.37
C ILE A 131 -14.87 7.32 -0.56
N SER A 132 -14.25 8.31 0.07
CA SER A 132 -15.02 9.10 1.04
C SER A 132 -14.42 10.48 1.31
N ASP A 133 -13.49 11.00 0.51
CA ASP A 133 -12.77 12.23 0.83
C ASP A 133 -13.07 13.30 -0.23
N GLU A 134 -13.97 14.23 0.07
CA GLU A 134 -14.29 15.24 -0.94
C GLU A 134 -13.26 16.36 -1.00
N ASN A 135 -12.26 16.36 -0.12
CA ASN A 135 -11.16 17.31 -0.17
C ASN A 135 -9.92 16.72 -0.82
N SER A 136 -10.04 15.57 -1.45
CA SER A 136 -8.88 14.93 -2.07
C SER A 136 -9.06 14.87 -3.57
N LYS A 137 -7.94 14.92 -4.27
CA LYS A 137 -7.89 14.79 -5.72
C LYS A 137 -7.18 13.51 -6.14
N SER A 138 -6.92 12.60 -5.22
CA SER A 138 -6.31 11.34 -5.57
C SER A 138 -7.38 10.25 -5.57
N GLY A 139 -7.27 9.33 -6.52
CA GLY A 139 -8.20 8.21 -6.54
C GLY A 139 -9.37 8.44 -7.47
N ILE A 140 -9.82 7.37 -8.09
CA ILE A 140 -11.01 7.46 -8.94
C ILE A 140 -12.28 7.23 -8.11
N GLN A 141 -13.43 7.59 -8.68
CA GLN A 141 -14.69 7.15 -8.12
C GLN A 141 -14.89 5.66 -8.37
N LEU A 142 -15.69 5.02 -7.52
CA LEU A 142 -15.95 3.59 -7.71
C LEU A 142 -16.59 3.29 -9.07
N ALA A 143 -17.38 4.23 -9.57
CA ALA A 143 -17.99 4.02 -10.88
C ALA A 143 -16.96 3.84 -11.97
N GLU A 144 -15.76 4.40 -11.79
CA GLU A 144 -14.71 4.32 -12.80
C GLU A 144 -13.87 3.06 -12.69
N LEU A 145 -14.07 2.25 -11.66
CA LEU A 145 -13.15 1.14 -11.40
C LEU A 145 -13.09 0.18 -12.58
N ASP A 146 -14.26 -0.29 -13.04
CA ASP A 146 -14.28 -1.32 -14.07
C ASP A 146 -13.54 -0.87 -15.32
N GLU A 147 -13.72 0.38 -15.72
CA GLU A 147 -13.10 0.83 -16.97
C GLU A 147 -11.60 0.98 -16.81
N LEU A 148 -11.15 1.61 -15.72
CA LEU A 148 -9.72 1.78 -15.49
C LEU A 148 -9.03 0.45 -15.27
N ALA A 149 -9.66 -0.46 -14.52
CA ALA A 149 -9.05 -1.76 -14.28
C ALA A 149 -8.80 -2.49 -15.59
N ALA A 150 -9.76 -2.42 -16.52
CA ALA A 150 -9.61 -3.10 -17.80
C ALA A 150 -8.44 -2.54 -18.59
N ALA A 151 -8.37 -1.20 -18.70
CA ALA A 151 -7.29 -0.58 -19.44
C ALA A 151 -5.94 -0.97 -18.85
N VAL A 152 -5.81 -0.86 -17.53
CA VAL A 152 -4.56 -1.12 -16.83
C VAL A 152 -4.18 -2.59 -16.90
N ALA A 153 -5.19 -3.49 -16.92
CA ALA A 153 -4.93 -4.92 -16.88
C ALA A 153 -4.19 -5.42 -18.11
N GLU A 154 -4.23 -4.70 -19.23
CA GLU A 154 -3.51 -5.12 -20.43
C GLU A 154 -2.06 -4.68 -20.45
N LEU A 155 -1.63 -3.85 -19.50
CA LEU A 155 -0.26 -3.35 -19.54
C LEU A 155 0.70 -4.45 -19.08
N PRO A 156 1.60 -4.94 -19.94
CA PRO A 156 2.30 -6.20 -19.66
C PRO A 156 3.42 -6.06 -18.64
N ARG A 157 3.99 -4.87 -18.50
CA ARG A 157 5.00 -4.63 -17.49
C ARG A 157 4.42 -4.28 -16.11
N LEU A 158 3.09 -4.21 -15.96
CA LEU A 158 2.46 -4.06 -14.66
C LEU A 158 1.69 -5.31 -14.30
N ARG A 159 1.36 -5.44 -13.03
CA ARG A 159 0.52 -6.54 -12.55
C ARG A 159 -0.53 -5.97 -11.61
N LEU A 160 -1.78 -5.91 -12.09
CA LEU A 160 -2.88 -5.37 -11.29
C LEU A 160 -3.22 -6.36 -10.20
N ARG A 161 -3.07 -5.95 -8.93
CA ARG A 161 -3.22 -6.83 -7.79
C ARG A 161 -4.40 -6.50 -6.90
N GLY A 162 -5.01 -5.32 -7.06
CA GLY A 162 -6.12 -4.95 -6.19
C GLY A 162 -6.29 -3.43 -6.10
N LEU A 163 -6.78 -2.99 -4.94
CA LEU A 163 -7.29 -1.64 -4.74
C LEU A 163 -6.65 -1.03 -3.51
N MET A 164 -6.51 0.29 -3.52
CA MET A 164 -6.11 1.06 -2.35
C MET A 164 -7.09 2.21 -2.13
N ALA A 165 -7.22 2.63 -0.87
CA ALA A 165 -8.05 3.79 -0.58
C ALA A 165 -7.46 4.51 0.62
N ILE A 166 -7.46 5.84 0.57
CA ILE A 166 -7.15 6.65 1.73
C ILE A 166 -8.47 7.30 2.14
N PRO A 167 -9.26 6.65 2.98
CA PRO A 167 -10.54 7.21 3.38
C PRO A 167 -10.36 8.56 4.06
N ALA A 168 -11.33 9.44 3.86
CA ALA A 168 -11.37 10.66 4.66
C ALA A 168 -11.33 10.28 6.14
N PRO A 169 -10.73 11.11 6.99
CA PRO A 169 -10.59 10.74 8.39
C PRO A 169 -11.95 10.69 9.06
N GLU A 170 -12.19 9.62 9.82
CA GLU A 170 -13.41 9.50 10.57
C GLU A 170 -13.09 9.13 12.00
N SER A 171 -13.85 9.69 12.94
CA SER A 171 -13.70 9.35 14.35
C SER A 171 -14.63 8.20 14.77
N GLU A 172 -15.85 8.16 14.26
CA GLU A 172 -16.77 7.08 14.60
C GLU A 172 -16.28 5.74 14.06
N TYR A 173 -16.13 4.76 14.95
CA TYR A 173 -15.75 3.43 14.51
C TYR A 173 -16.74 2.86 13.50
N VAL A 174 -18.02 3.19 13.63
CA VAL A 174 -19.02 2.67 12.70
C VAL A 174 -18.70 3.13 11.29
N ARG A 175 -18.31 4.40 11.15
CA ARG A 175 -18.04 4.92 9.82
C ARG A 175 -16.77 4.32 9.23
N GLN A 176 -15.72 4.18 10.05
CA GLN A 176 -14.53 3.49 9.59
C GLN A 176 -14.87 2.12 9.02
N PHE A 177 -15.72 1.37 9.71
CA PHE A 177 -16.03 0.03 9.26
C PHE A 177 -16.88 0.06 8.00
N GLU A 178 -17.91 0.89 7.97
CA GLU A 178 -18.77 0.96 6.78
C GLU A 178 -17.99 1.41 5.56
N VAL A 179 -17.18 2.45 5.71
CA VAL A 179 -16.40 2.92 4.57
C VAL A 179 -15.44 1.84 4.08
N ALA A 180 -14.77 1.15 5.02
CA ALA A 180 -13.87 0.08 4.62
C ALA A 180 -14.63 -1.07 3.98
N ARG A 181 -15.84 -1.36 4.47
CA ARG A 181 -16.64 -2.41 3.85
C ARG A 181 -17.01 -2.06 2.41
N GLN A 182 -17.25 -0.78 2.12
CA GLN A 182 -17.46 -0.35 0.74
C GLN A 182 -16.29 -0.79 -0.12
N MET A 183 -15.06 -0.56 0.38
CA MET A 183 -13.88 -0.96 -0.37
C MET A 183 -13.77 -2.47 -0.48
N ALA A 184 -14.09 -3.20 0.59
CA ALA A 184 -13.96 -4.65 0.51
C ALA A 184 -14.97 -5.25 -0.48
N VAL A 185 -16.18 -4.71 -0.52
CA VAL A 185 -17.16 -5.14 -1.50
C VAL A 185 -16.63 -4.94 -2.92
N ALA A 186 -16.07 -3.77 -3.20
CA ALA A 186 -15.50 -3.53 -4.53
C ALA A 186 -14.36 -4.49 -4.79
N PHE A 187 -13.47 -4.65 -3.81
CA PHE A 187 -12.40 -5.62 -3.91
C PHE A 187 -12.93 -7.01 -4.21
N ALA A 188 -13.93 -7.46 -3.43
CA ALA A 188 -14.55 -8.75 -3.70
C ALA A 188 -15.02 -8.85 -5.16
N GLY A 189 -15.71 -7.81 -5.64
CA GLY A 189 -16.26 -7.85 -6.99
C GLY A 189 -15.19 -7.96 -8.06
N LEU A 190 -14.11 -7.20 -7.90
CA LEU A 190 -12.98 -7.30 -8.81
C LEU A 190 -12.43 -8.72 -8.84
N LYS A 191 -12.40 -9.38 -7.67
CA LYS A 191 -11.76 -10.69 -7.56
C LYS A 191 -12.54 -11.80 -8.26
N THR A 192 -13.87 -11.65 -8.40
CA THR A 192 -14.63 -12.68 -9.12
C THR A 192 -14.33 -12.68 -10.62
N ARG A 193 -13.75 -11.62 -11.15
CA ARG A 193 -13.51 -11.47 -12.57
C ARG A 193 -12.03 -11.39 -12.93
N TYR A 194 -11.21 -10.79 -12.09
CA TYR A 194 -9.84 -10.52 -12.50
C TYR A 194 -8.89 -11.52 -11.88
N PRO A 195 -7.88 -11.93 -12.63
CA PRO A 195 -6.89 -12.86 -12.08
C PRO A 195 -6.00 -12.17 -11.06
N HIS A 196 -5.53 -12.96 -10.11
CA HIS A 196 -4.53 -12.55 -9.12
C HIS A 196 -4.85 -11.17 -8.53
N ILE A 197 -6.09 -11.04 -8.05
CA ILE A 197 -6.51 -9.91 -7.22
C ILE A 197 -6.40 -10.40 -5.79
N ASP A 198 -5.37 -9.98 -5.06
CA ASP A 198 -5.12 -10.51 -3.73
C ASP A 198 -4.81 -9.46 -2.68
N THR A 199 -4.78 -8.17 -3.05
CA THR A 199 -4.29 -7.11 -2.20
C THR A 199 -5.35 -6.02 -2.09
N LEU A 200 -5.81 -5.75 -0.89
CA LEU A 200 -6.66 -4.61 -0.62
C LEU A 200 -5.88 -3.78 0.40
N SER A 201 -5.28 -2.69 -0.07
CA SER A 201 -4.43 -1.85 0.78
C SER A 201 -5.32 -0.83 1.49
N LEU A 202 -5.52 -1.01 2.80
CA LEU A 202 -6.58 -0.27 3.46
C LEU A 202 -6.35 -0.31 4.96
N GLY A 203 -6.26 0.86 5.58
CA GLY A 203 -6.14 0.94 7.02
C GLY A 203 -4.82 1.51 7.49
N MET A 204 -4.87 2.48 8.41
CA MET A 204 -3.64 3.04 8.97
C MET A 204 -3.69 2.93 10.49
N SER A 205 -2.84 3.68 11.19
CA SER A 205 -2.68 3.49 12.63
C SER A 205 -4.01 3.52 13.38
N ASP A 206 -4.90 4.44 13.04
CA ASP A 206 -6.07 4.70 13.86
C ASP A 206 -7.36 4.09 13.35
N ASP A 207 -7.37 3.47 12.18
CA ASP A 207 -8.55 2.77 11.70
C ASP A 207 -8.21 1.33 11.37
N MET A 208 -7.14 0.81 12.00
CA MET A 208 -6.62 -0.52 11.69
C MET A 208 -7.67 -1.59 11.94
N GLU A 209 -8.28 -1.57 13.14
CA GLU A 209 -9.22 -2.62 13.50
C GLU A 209 -10.40 -2.67 12.53
N ALA A 210 -11.04 -1.53 12.30
CA ALA A 210 -12.15 -1.48 11.37
C ALA A 210 -11.72 -2.02 10.02
N ALA A 211 -10.55 -1.60 9.54
CA ALA A 211 -10.12 -2.01 8.21
C ALA A 211 -9.91 -3.52 8.14
N ILE A 212 -9.34 -4.12 9.18
CA ILE A 212 -9.09 -5.56 9.17
C ILE A 212 -10.40 -6.33 9.29
N ALA A 213 -11.32 -5.85 10.13
CA ALA A 213 -12.63 -6.50 10.23
C ALA A 213 -13.37 -6.43 8.90
N ALA A 214 -13.20 -5.33 8.16
CA ALA A 214 -13.92 -5.17 6.91
C ALA A 214 -13.36 -6.01 5.78
N GLY A 215 -12.09 -6.44 5.86
CA GLY A 215 -11.55 -7.33 4.84
C GLY A 215 -10.22 -6.90 4.23
N SER A 216 -9.60 -5.88 4.81
CA SER A 216 -8.32 -5.41 4.33
C SER A 216 -7.30 -6.55 4.40
N THR A 217 -6.32 -6.51 3.48
CA THR A 217 -5.24 -7.49 3.48
C THR A 217 -3.90 -6.84 3.76
N MET A 218 -3.86 -5.52 3.88
CA MET A 218 -2.61 -4.79 4.01
C MET A 218 -2.91 -3.49 4.74
N VAL A 219 -2.35 -3.33 5.92
CA VAL A 219 -2.43 -2.07 6.66
C VAL A 219 -1.12 -1.32 6.50
N ARG A 220 -1.23 0.00 6.46
CA ARG A 220 -0.11 0.88 6.20
C ARG A 220 0.13 1.65 7.50
N ILE A 221 1.10 1.20 8.28
CA ILE A 221 1.33 1.73 9.62
C ILE A 221 2.58 2.59 9.61
N GLY A 222 2.42 3.84 10.01
CA GLY A 222 3.51 4.78 10.03
C GLY A 222 3.81 5.21 11.45
N THR A 223 2.83 5.87 12.09
CA THR A 223 3.08 6.48 13.39
C THR A 223 3.33 5.43 14.45
N ALA A 224 2.50 4.40 14.51
CA ALA A 224 2.63 3.41 15.58
C ALA A 224 3.94 2.63 15.51
N ILE A 225 4.72 2.76 14.43
CA ILE A 225 6.01 2.10 14.29
C ILE A 225 7.17 3.06 14.52
N PHE A 226 7.21 4.17 13.78
CA PHE A 226 8.37 5.05 13.75
C PHE A 226 8.20 6.29 14.61
N GLY A 227 7.06 6.42 15.31
CA GLY A 227 6.76 7.66 15.98
C GLY A 227 6.05 8.65 15.07
N ALA A 228 6.02 9.90 15.50
CA ALA A 228 5.32 10.94 14.79
C ALA A 228 6.19 11.56 13.69
N ARG A 229 5.56 12.30 12.78
CA ARG A 229 6.27 13.00 11.72
C ARG A 229 6.27 14.51 11.95
#